data_5IF9
#
_entry.id   5IF9
#
_cell.length_a   88.400
_cell.length_b   88.400
_cell.length_c   120.300
_cell.angle_alpha   90.00
_cell.angle_beta   90.00
_cell.angle_gamma   90.00
#
_symmetry.space_group_name_H-M   'P 41 21 2'
#
loop_
_entity.id
_entity.type
_entity.pdbx_description
1 polymer 'Cobyrinic Acid a,c-diamide synthase'
2 non-polymer 'PHOSPHOAMINOPHOSPHONIC ACID-ADENYLATE ESTER'
3 non-polymer 'MAGNESIUM ION'
4 water water
#
_entity_poly.entity_id   1
_entity_poly.type   'polypeptide(L)'
_entity_poly.pdbx_seq_one_letter_code
;MAHHHHHHVTRVLAVANQKGGVAKTTTVASIGAALTEQGRRVLLVDLDPQGCLTFSLGHDPDKLPVSVHEVLLGDVEPSA
ALVRTDEGMTLLPANIDLAGAEAMLLMRAGREYALKRALAKLDGDFDVVIIDCPPSLGVLTLNGLTAAHDVIVPLQCETL
AHRGVGQFLRTISDVQQITNPDLKLLGALPTLYDSRTTHSRDVLLDVADRYELPVLAPPIPRTVRFAEASASGSSVLAGR
KSKGAIAYREFADALLRHWKSGRKMPTFTPEVV
;
_entity_poly.pdbx_strand_id   A,B
#
loop_
_chem_comp.id
_chem_comp.type
_chem_comp.name
_chem_comp.formula
ANP non-polymer 'PHOSPHOAMINOPHOSPHONIC ACID-ADENYLATE ESTER' 'C10 H17 N6 O12 P3'
MG non-polymer 'MAGNESIUM ION' 'Mg 2'
#
# COMPACT_ATOMS: atom_id res chain seq x y z
N VAL A 9 8.68 -6.76 -12.03
CA VAL A 9 7.38 -6.23 -11.63
C VAL A 9 6.43 -7.38 -11.29
N THR A 10 5.92 -7.36 -10.05
CA THR A 10 4.98 -8.39 -9.60
C THR A 10 3.59 -8.12 -10.16
N ARG A 11 3.01 -9.14 -10.81
CA ARG A 11 1.63 -9.06 -11.29
C ARG A 11 0.73 -9.68 -10.23
N VAL A 12 -0.37 -9.00 -9.90
CA VAL A 12 -1.31 -9.53 -8.92
C VAL A 12 -2.66 -9.66 -9.62
N LEU A 13 -3.14 -10.89 -9.69
CA LEU A 13 -4.40 -11.22 -10.36
C LEU A 13 -5.41 -11.72 -9.35
N ALA A 14 -6.56 -11.05 -9.26
CA ALA A 14 -7.64 -11.56 -8.44
C ALA A 14 -8.58 -12.39 -9.30
N VAL A 15 -9.10 -13.47 -8.72
CA VAL A 15 -10.05 -14.36 -9.38
C VAL A 15 -11.30 -14.33 -8.52
N ALA A 16 -12.37 -13.73 -9.03
CA ALA A 16 -13.49 -13.40 -8.15
C ALA A 16 -14.81 -13.57 -8.88
N ASN A 17 -15.84 -13.93 -8.10
CA ASN A 17 -17.23 -14.06 -8.56
C ASN A 17 -18.01 -14.46 -7.31
N GLN A 18 -19.00 -13.66 -6.90
CA GLN A 18 -19.73 -13.99 -5.69
C GLN A 18 -20.62 -15.21 -5.87
N LYS A 19 -20.90 -15.61 -7.11
CA LYS A 19 -21.66 -16.83 -7.35
C LYS A 19 -20.80 -18.04 -7.02
N GLY A 20 -21.36 -18.99 -6.26
CA GLY A 20 -20.59 -20.13 -5.82
C GLY A 20 -20.51 -21.23 -6.88
N GLY A 21 -19.39 -21.92 -6.88
CA GLY A 21 -19.31 -23.15 -7.64
C GLY A 21 -19.01 -22.95 -9.11
N VAL A 22 -18.35 -21.85 -9.46
CA VAL A 22 -18.10 -21.48 -10.85
C VAL A 22 -16.66 -21.70 -11.26
N ALA A 23 -15.89 -22.44 -10.45
CA ALA A 23 -14.51 -22.85 -10.71
C ALA A 23 -13.48 -21.74 -10.46
N LYS A 24 -13.75 -20.84 -9.51
CA LYS A 24 -12.73 -19.89 -9.09
C LYS A 24 -11.49 -20.62 -8.59
N THR A 25 -11.65 -21.53 -7.64
CA THR A 25 -10.50 -22.16 -6.99
C THR A 25 -9.73 -23.05 -7.95
N THR A 26 -10.46 -23.84 -8.75
CA THR A 26 -9.82 -24.64 -9.79
C THR A 26 -9.04 -23.75 -10.75
N THR A 27 -9.59 -22.58 -11.05
CA THR A 27 -8.93 -21.65 -11.97
C THR A 27 -7.65 -21.09 -11.36
N VAL A 28 -7.71 -20.70 -10.08
CA VAL A 28 -6.51 -20.18 -9.42
C VAL A 28 -5.40 -21.23 -9.46
N ALA A 29 -5.70 -22.46 -9.05
CA ALA A 29 -4.67 -23.49 -8.96
C ALA A 29 -4.14 -23.86 -10.33
N SER A 30 -5.01 -23.93 -11.33
CA SER A 30 -4.62 -24.39 -12.65
C SER A 30 -3.84 -23.32 -13.41
N ILE A 31 -4.25 -22.06 -13.31
CA ILE A 31 -3.42 -20.99 -13.88
C ILE A 31 -2.08 -20.94 -13.16
N GLY A 32 -2.11 -21.03 -11.83
CA GLY A 32 -0.87 -21.03 -11.08
C GLY A 32 0.12 -22.09 -11.54
N ALA A 33 -0.38 -23.32 -11.76
CA ALA A 33 0.49 -24.40 -12.22
C ALA A 33 1.00 -24.15 -13.63
N ALA A 34 0.15 -23.61 -14.50
CA ALA A 34 0.55 -23.33 -15.86
C ALA A 34 1.64 -22.27 -15.91
N LEU A 35 1.49 -21.23 -15.11
CA LEU A 35 2.51 -20.17 -15.09
C LEU A 35 3.81 -20.69 -14.49
N THR A 36 3.73 -21.58 -13.48
CA THR A 36 4.95 -22.14 -12.90
C THR A 36 5.70 -22.97 -13.93
N GLU A 37 4.98 -23.75 -14.74
CA GLU A 37 5.61 -24.48 -15.83
C GLU A 37 6.33 -23.56 -16.80
N GLN A 38 5.85 -22.34 -16.97
CA GLN A 38 6.47 -21.39 -17.87
C GLN A 38 7.59 -20.58 -17.22
N GLY A 39 7.97 -20.94 -15.99
CA GLY A 39 9.10 -20.31 -15.34
C GLY A 39 8.78 -19.19 -14.37
N ARG A 40 7.51 -18.83 -14.20
CA ARG A 40 7.17 -17.73 -13.30
C ARG A 40 7.17 -18.22 -11.87
N ARG A 41 7.63 -17.35 -10.95
CA ARG A 41 7.55 -17.60 -9.51
C ARG A 41 6.17 -17.17 -9.04
N VAL A 42 5.33 -18.13 -8.61
CA VAL A 42 3.91 -17.90 -8.38
C VAL A 42 3.59 -18.02 -6.89
N LEU A 43 2.85 -17.04 -6.36
CA LEU A 43 2.22 -17.12 -5.05
C LEU A 43 0.72 -17.18 -5.24
N LEU A 44 0.08 -18.16 -4.60
CA LEU A 44 -1.37 -18.25 -4.54
C LEU A 44 -1.83 -17.83 -3.15
N VAL A 45 -2.90 -17.04 -3.10
CA VAL A 45 -3.46 -16.55 -1.84
C VAL A 45 -4.87 -17.12 -1.73
N ASP A 46 -5.13 -17.85 -0.65
CA ASP A 46 -6.48 -18.38 -0.39
C ASP A 46 -7.21 -17.39 0.52
N LEU A 47 -8.27 -16.74 0.01
CA LEU A 47 -9.07 -15.85 0.85
C LEU A 47 -10.43 -16.45 1.23
N ASP A 48 -10.63 -17.76 1.01
CA ASP A 48 -11.88 -18.40 1.43
C ASP A 48 -11.67 -19.06 2.78
N PRO A 49 -12.39 -18.66 3.83
CA PRO A 49 -12.28 -19.38 5.11
C PRO A 49 -12.56 -20.87 4.99
N GLN A 50 -13.30 -21.32 3.97
CA GLN A 50 -13.50 -22.77 3.83
C GLN A 50 -12.26 -23.48 3.31
N GLY A 51 -11.26 -22.75 2.85
CA GLY A 51 -9.94 -23.33 2.58
C GLY A 51 -9.87 -24.28 1.41
N CYS A 52 -10.76 -24.12 0.42
CA CYS A 52 -10.79 -25.07 -0.69
C CYS A 52 -9.46 -25.14 -1.42
N LEU A 53 -8.88 -23.98 -1.74
CA LEU A 53 -7.58 -23.97 -2.44
C LEU A 53 -6.52 -24.65 -1.59
N THR A 54 -6.48 -24.28 -0.32
CA THR A 54 -5.48 -24.83 0.60
C THR A 54 -5.58 -26.35 0.68
N PHE A 55 -6.79 -26.87 0.87
CA PHE A 55 -7.00 -28.31 0.88
C PHE A 55 -6.60 -28.95 -0.45
N SER A 56 -6.98 -28.31 -1.57
CA SER A 56 -6.71 -28.90 -2.88
C SER A 56 -5.21 -29.02 -3.16
N LEU A 57 -4.40 -28.18 -2.52
CA LEU A 57 -2.95 -28.23 -2.69
C LEU A 57 -2.26 -29.02 -1.58
N GLY A 58 -3.02 -29.79 -0.81
CA GLY A 58 -2.44 -30.78 0.09
C GLY A 58 -2.21 -30.36 1.52
N HIS A 59 -2.84 -29.28 1.98
CA HIS A 59 -2.71 -28.82 3.36
C HIS A 59 -4.07 -28.88 4.01
N ASP A 60 -4.16 -29.60 5.12
CA ASP A 60 -5.40 -29.64 5.93
C ASP A 60 -5.59 -28.27 6.58
N PRO A 61 -6.58 -27.46 6.17
CA PRO A 61 -6.69 -26.12 6.76
C PRO A 61 -6.84 -26.14 8.28
N ASP A 62 -7.56 -27.13 8.83
CA ASP A 62 -7.81 -27.14 10.27
C ASP A 62 -6.53 -27.32 11.08
N LYS A 63 -5.49 -27.89 10.48
CA LYS A 63 -4.23 -28.15 11.19
C LYS A 63 -3.16 -27.09 10.98
N LEU A 64 -3.43 -26.04 10.19
CA LEU A 64 -2.43 -24.97 10.01
C LEU A 64 -2.20 -24.24 11.31
N PRO A 65 -0.94 -24.08 11.76
CA PRO A 65 -0.73 -23.32 12.99
C PRO A 65 -1.11 -21.85 12.88
N VAL A 66 -0.91 -21.25 11.71
CA VAL A 66 -1.35 -19.89 11.40
C VAL A 66 -1.79 -19.88 9.95
N SER A 67 -2.44 -18.80 9.54
CA SER A 67 -2.92 -18.72 8.16
C SER A 67 -2.93 -17.26 7.73
N VAL A 68 -3.54 -17.01 6.57
CA VAL A 68 -3.71 -15.64 6.09
C VAL A 68 -4.52 -14.80 7.06
N HIS A 69 -5.34 -15.43 7.92
CA HIS A 69 -6.08 -14.69 8.94
C HIS A 69 -5.15 -13.86 9.82
N GLU A 70 -4.17 -14.50 10.46
CA GLU A 70 -3.23 -13.75 11.29
C GLU A 70 -2.46 -12.73 10.46
N VAL A 71 -2.19 -13.04 9.20
CA VAL A 71 -1.46 -12.11 8.32
C VAL A 71 -2.29 -10.85 8.08
N LEU A 72 -3.57 -11.02 7.73
CA LEU A 72 -4.42 -9.84 7.52
C LEU A 72 -4.53 -8.99 8.78
N LEU A 73 -4.53 -9.63 9.95
CA LEU A 73 -4.62 -8.88 11.18
C LEU A 73 -3.31 -8.19 11.56
N GLY A 74 -2.21 -8.55 10.91
CA GLY A 74 -0.90 -7.99 11.23
C GLY A 74 -0.16 -8.67 12.36
N ASP A 75 -0.65 -9.82 12.82
CA ASP A 75 -0.07 -10.51 13.96
C ASP A 75 1.03 -11.48 13.58
N VAL A 76 1.10 -11.87 12.31
CA VAL A 76 2.11 -12.79 11.81
C VAL A 76 2.62 -12.22 10.50
N GLU A 77 3.94 -12.24 10.31
CA GLU A 77 4.48 -11.73 9.06
C GLU A 77 4.13 -12.68 7.92
N PRO A 78 3.85 -12.15 6.72
CA PRO A 78 3.42 -13.02 5.61
C PRO A 78 4.36 -14.19 5.34
N SER A 79 5.67 -13.95 5.35
CA SER A 79 6.60 -15.02 5.00
C SER A 79 6.46 -16.21 5.95
N ALA A 80 6.12 -15.93 7.22
CA ALA A 80 6.02 -16.99 8.23
C ALA A 80 4.83 -17.92 7.98
N ALA A 81 3.81 -17.44 7.28
CA ALA A 81 2.60 -18.22 7.02
C ALA A 81 2.63 -18.97 5.69
N LEU A 82 3.65 -18.78 4.86
CA LEU A 82 3.67 -19.39 3.54
C LEU A 82 3.99 -20.88 3.65
N VAL A 83 3.35 -21.68 2.80
CA VAL A 83 3.60 -23.12 2.74
C VAL A 83 3.90 -23.51 1.31
N ARG A 84 4.43 -24.72 1.16
CA ARG A 84 4.88 -25.23 -0.12
C ARG A 84 3.78 -26.03 -0.81
N THR A 85 3.91 -26.19 -2.12
CA THR A 85 3.02 -27.09 -2.86
C THR A 85 3.88 -28.02 -3.70
N ASP A 86 3.29 -29.17 -4.05
CA ASP A 86 4.00 -30.17 -4.83
C ASP A 86 4.45 -29.63 -6.18
N GLU A 87 3.68 -28.74 -6.80
CA GLU A 87 4.03 -28.24 -8.13
C GLU A 87 4.98 -27.06 -8.09
N GLY A 88 5.30 -26.53 -6.91
CA GLY A 88 6.30 -25.50 -6.77
C GLY A 88 5.75 -24.12 -6.50
N MET A 89 4.47 -23.90 -6.78
CA MET A 89 3.81 -22.67 -6.34
C MET A 89 3.96 -22.54 -4.84
N THR A 90 3.94 -21.30 -4.37
CA THR A 90 3.92 -21.02 -2.95
C THR A 90 2.49 -20.63 -2.57
N LEU A 91 2.09 -20.95 -1.36
CA LEU A 91 0.70 -20.74 -0.94
C LEU A 91 0.66 -19.93 0.35
N LEU A 92 -0.12 -18.86 0.34
CA LEU A 92 -0.55 -18.19 1.55
C LEU A 92 -1.93 -18.76 1.88
N PRO A 93 -2.03 -19.71 2.81
CA PRO A 93 -3.23 -20.53 2.95
C PRO A 93 -4.27 -19.91 3.88
N ALA A 94 -5.45 -20.53 3.87
CA ALA A 94 -6.57 -20.06 4.69
C ALA A 94 -7.15 -21.23 5.49
N ASN A 95 -7.81 -20.89 6.61
CA ASN A 95 -8.66 -21.83 7.31
C ASN A 95 -9.83 -21.05 7.90
N ILE A 96 -10.68 -21.76 8.65
CA ILE A 96 -11.95 -21.17 9.10
C ILE A 96 -11.74 -19.97 10.01
N ASP A 97 -10.54 -19.84 10.61
CA ASP A 97 -10.28 -18.65 11.44
C ASP A 97 -10.54 -17.37 10.65
N LEU A 98 -10.32 -17.40 9.34
CA LEU A 98 -10.47 -16.21 8.49
C LEU A 98 -11.91 -15.71 8.48
N ALA A 99 -12.87 -16.56 8.83
CA ALA A 99 -14.24 -16.08 8.91
C ALA A 99 -14.41 -15.03 9.99
N GLY A 100 -13.51 -15.00 10.97
CA GLY A 100 -13.62 -13.95 11.97
C GLY A 100 -13.01 -12.64 11.57
N ALA A 101 -12.39 -12.59 10.38
CA ALA A 101 -11.58 -11.43 10.02
C ALA A 101 -12.40 -10.15 10.04
N GLU A 102 -13.59 -10.16 9.43
CA GLU A 102 -14.30 -8.90 9.26
C GLU A 102 -14.82 -8.35 10.58
N ALA A 103 -15.18 -9.21 11.53
CA ALA A 103 -15.52 -8.71 12.86
C ALA A 103 -14.36 -7.94 13.46
N MET A 104 -13.13 -8.44 13.27
CA MET A 104 -11.95 -7.79 13.79
C MET A 104 -11.43 -6.67 12.89
N LEU A 105 -11.60 -6.80 11.57
CA LEU A 105 -11.17 -5.73 10.66
C LEU A 105 -12.11 -4.53 10.68
N LEU A 106 -13.42 -4.76 10.73
CA LEU A 106 -14.36 -3.65 10.76
C LEU A 106 -14.06 -2.70 11.91
N MET A 107 -13.54 -3.23 13.02
CA MET A 107 -13.15 -2.44 14.18
C MET A 107 -11.84 -1.68 13.97
N ARG A 108 -11.27 -1.72 12.76
CA ARG A 108 -9.99 -1.11 12.48
C ARG A 108 -10.09 -0.25 11.23
N ALA A 109 -9.28 0.80 11.18
CA ALA A 109 -9.24 1.67 10.00
C ALA A 109 -8.53 0.97 8.84
N GLY A 110 -8.94 1.30 7.63
CA GLY A 110 -8.34 0.72 6.44
C GLY A 110 -8.49 -0.78 6.31
N ARG A 111 -9.64 -1.33 6.68
CA ARG A 111 -9.85 -2.78 6.62
C ARG A 111 -9.68 -3.31 5.20
N GLU A 112 -9.92 -2.47 4.19
CA GLU A 112 -9.86 -2.94 2.81
C GLU A 112 -8.44 -3.24 2.36
N TYR A 113 -7.44 -2.71 3.06
CA TYR A 113 -6.07 -2.73 2.58
C TYR A 113 -5.22 -3.78 3.28
N ALA A 114 -5.82 -4.69 4.06
CA ALA A 114 -5.01 -5.62 4.84
C ALA A 114 -4.18 -6.55 3.95
N LEU A 115 -4.77 -7.09 2.87
CA LEU A 115 -3.99 -7.97 2.01
C LEU A 115 -2.96 -7.17 1.21
N LYS A 116 -3.34 -5.98 0.77
CA LYS A 116 -2.38 -5.13 0.06
C LYS A 116 -1.14 -4.90 0.92
N ARG A 117 -1.35 -4.56 2.20
CA ARG A 117 -0.22 -4.34 3.10
C ARG A 117 0.65 -5.59 3.23
N ALA A 118 0.02 -6.77 3.31
CA ALA A 118 0.75 -8.03 3.44
C ALA A 118 1.59 -8.32 2.21
N LEU A 119 0.99 -8.15 1.02
CA LEU A 119 1.74 -8.42 -0.21
C LEU A 119 2.87 -7.44 -0.41
N ALA A 120 2.74 -6.21 0.10
CA ALA A 120 3.84 -5.26 -0.02
C ALA A 120 5.09 -5.81 0.66
N LYS A 121 4.93 -6.58 1.72
CA LYS A 121 6.08 -7.16 2.43
C LYS A 121 6.76 -8.28 1.63
N LEU A 122 6.08 -8.83 0.62
CA LEU A 122 6.61 -9.90 -0.21
C LEU A 122 7.00 -9.45 -1.61
N ASP A 123 6.91 -8.16 -1.93
CA ASP A 123 7.09 -7.72 -3.29
C ASP A 123 8.51 -8.05 -3.78
N GLY A 124 8.60 -8.51 -5.03
CA GLY A 124 9.86 -8.94 -5.57
C GLY A 124 10.25 -10.37 -5.25
N ASP A 125 9.51 -11.04 -4.36
CA ASP A 125 9.70 -12.47 -4.15
C ASP A 125 8.97 -13.32 -5.18
N PHE A 126 7.96 -12.77 -5.84
CA PHE A 126 7.15 -13.53 -6.78
C PHE A 126 6.92 -12.73 -8.05
N ASP A 127 6.86 -13.44 -9.18
CA ASP A 127 6.51 -12.80 -10.44
C ASP A 127 5.02 -12.59 -10.58
N VAL A 128 4.22 -13.52 -10.04
CA VAL A 128 2.76 -13.48 -10.17
C VAL A 128 2.16 -13.89 -8.84
N VAL A 129 1.19 -13.11 -8.38
CA VAL A 129 0.33 -13.45 -7.24
C VAL A 129 -1.08 -13.66 -7.77
N ILE A 130 -1.70 -14.78 -7.43
CA ILE A 130 -3.09 -15.06 -7.81
C ILE A 130 -3.91 -15.24 -6.55
N ILE A 131 -4.99 -14.46 -6.44
CA ILE A 131 -5.80 -14.40 -5.24
C ILE A 131 -7.13 -15.10 -5.47
N ASP A 132 -7.43 -16.13 -4.66
CA ASP A 132 -8.67 -16.89 -4.77
C ASP A 132 -9.72 -16.27 -3.85
N CYS A 133 -10.72 -15.60 -4.44
CA CYS A 133 -11.69 -14.91 -3.59
C CYS A 133 -12.86 -15.84 -3.25
N PRO A 134 -13.46 -15.67 -2.07
CA PRO A 134 -14.60 -16.49 -1.69
C PRO A 134 -15.85 -16.06 -2.45
N PRO A 135 -16.97 -16.92 -2.42
CA PRO A 135 -18.24 -16.57 -3.07
C PRO A 135 -18.99 -15.53 -2.23
N SER A 136 -18.50 -14.30 -2.29
CA SER A 136 -19.13 -13.21 -1.55
C SER A 136 -18.54 -11.88 -2.04
N LEU A 137 -19.19 -10.79 -1.62
CA LEU A 137 -18.79 -9.43 -1.96
C LEU A 137 -18.40 -8.65 -0.71
N GLY A 138 -17.95 -9.34 0.32
CA GLY A 138 -17.63 -8.71 1.59
C GLY A 138 -16.16 -8.35 1.72
N VAL A 139 -15.72 -8.17 2.96
CA VAL A 139 -14.39 -7.62 3.24
C VAL A 139 -13.27 -8.47 2.63
N LEU A 140 -13.44 -9.80 2.56
CA LEU A 140 -12.34 -10.61 2.05
C LEU A 140 -12.19 -10.42 0.55
N THR A 141 -13.30 -10.48 -0.20
CA THR A 141 -13.22 -10.21 -1.64
C THR A 141 -12.77 -8.79 -1.91
N LEU A 142 -13.22 -7.83 -1.10
CA LEU A 142 -12.75 -6.46 -1.24
C LEU A 142 -11.23 -6.36 -1.03
N ASN A 143 -10.68 -7.09 -0.06
CA ASN A 143 -9.23 -7.13 0.11
C ASN A 143 -8.55 -7.70 -1.12
N GLY A 144 -9.13 -8.75 -1.73
CA GLY A 144 -8.54 -9.28 -2.95
C GLY A 144 -8.55 -8.28 -4.08
N LEU A 145 -9.70 -7.62 -4.31
CA LEU A 145 -9.79 -6.66 -5.40
C LEU A 145 -8.91 -5.44 -5.15
N THR A 146 -8.78 -5.05 -3.88
CA THR A 146 -8.01 -3.85 -3.54
C THR A 146 -6.51 -4.08 -3.70
N ALA A 147 -6.05 -5.33 -3.54
CA ALA A 147 -4.63 -5.65 -3.67
C ALA A 147 -4.22 -5.97 -5.09
N ALA A 148 -5.16 -6.24 -5.99
CA ALA A 148 -4.88 -6.74 -7.31
C ALA A 148 -4.65 -5.62 -8.32
N HIS A 149 -3.91 -5.94 -9.37
CA HIS A 149 -3.81 -5.07 -10.54
C HIS A 149 -4.85 -5.43 -11.60
N ASP A 150 -5.10 -6.74 -11.76
CA ASP A 150 -6.06 -7.28 -12.73
C ASP A 150 -7.04 -8.19 -12.01
N VAL A 151 -8.25 -8.32 -12.58
CA VAL A 151 -9.24 -9.28 -12.07
C VAL A 151 -9.88 -10.01 -13.24
N ILE A 152 -10.08 -11.33 -13.08
CA ILE A 152 -10.88 -12.12 -14.00
C ILE A 152 -12.04 -12.73 -13.23
N VAL A 153 -13.12 -12.98 -13.94
CA VAL A 153 -14.36 -13.51 -13.38
C VAL A 153 -14.63 -14.86 -14.03
N PRO A 154 -14.32 -15.96 -13.34
CA PRO A 154 -14.72 -17.27 -13.86
C PRO A 154 -16.22 -17.29 -13.90
N LEU A 155 -16.76 -17.67 -15.06
CA LEU A 155 -18.18 -17.47 -15.34
C LEU A 155 -18.73 -18.77 -15.92
N GLN A 156 -19.56 -19.46 -15.16
CA GLN A 156 -20.08 -20.74 -15.63
C GLN A 156 -21.00 -20.51 -16.81
N CYS A 157 -20.92 -21.38 -17.80
CA CYS A 157 -21.80 -21.27 -18.97
C CYS A 157 -22.52 -22.58 -19.22
N GLU A 158 -22.78 -23.31 -18.14
CA GLU A 158 -23.68 -24.47 -18.19
C GLU A 158 -25.13 -24.04 -18.25
N THR A 159 -25.49 -22.93 -17.60
CA THR A 159 -26.87 -22.44 -17.55
C THR A 159 -26.90 -20.94 -17.80
N LEU A 160 -28.10 -20.44 -18.12
CA LEU A 160 -28.33 -19.03 -18.40
C LEU A 160 -28.39 -18.15 -17.15
N ALA A 161 -28.14 -18.70 -15.97
CA ALA A 161 -28.33 -18.01 -14.69
C ALA A 161 -27.15 -17.06 -14.44
N HIS A 162 -27.33 -15.76 -14.73
CA HIS A 162 -26.23 -14.82 -14.44
C HIS A 162 -26.73 -13.50 -13.83
N ARG A 163 -27.79 -13.55 -13.01
CA ARG A 163 -28.33 -12.30 -12.47
C ARG A 163 -27.34 -11.56 -11.56
N GLY A 164 -26.30 -12.23 -11.07
CA GLY A 164 -25.33 -11.59 -10.21
C GLY A 164 -24.25 -10.78 -10.93
N VAL A 165 -24.15 -10.88 -12.25
CA VAL A 165 -23.05 -10.19 -12.94
C VAL A 165 -23.15 -8.69 -12.74
N GLY A 166 -24.38 -8.14 -12.76
CA GLY A 166 -24.54 -6.70 -12.60
C GLY A 166 -23.97 -6.18 -11.29
N GLN A 167 -24.31 -6.86 -10.19
CA GLN A 167 -23.78 -6.45 -8.90
C GLN A 167 -22.27 -6.66 -8.82
N PHE A 168 -21.74 -7.69 -9.47
CA PHE A 168 -20.29 -7.87 -9.46
C PHE A 168 -19.59 -6.70 -10.14
N LEU A 169 -20.12 -6.26 -11.29
CA LEU A 169 -19.53 -5.13 -12.00
C LEU A 169 -19.65 -3.84 -11.19
N ARG A 170 -20.77 -3.65 -10.49
CA ARG A 170 -20.88 -2.51 -9.58
C ARG A 170 -19.80 -2.56 -8.52
N THR A 171 -19.49 -3.75 -8.01
CA THR A 171 -18.45 -3.86 -6.99
C THR A 171 -17.09 -3.47 -7.55
N ILE A 172 -16.77 -3.91 -8.78
CA ILE A 172 -15.52 -3.50 -9.40
C ILE A 172 -15.46 -1.98 -9.52
N SER A 173 -16.57 -1.37 -9.99
CA SER A 173 -16.61 0.07 -10.14
C SER A 173 -16.38 0.79 -8.82
N ASP A 174 -17.01 0.30 -7.75
CA ASP A 174 -16.83 0.92 -6.44
C ASP A 174 -15.38 0.82 -5.99
N VAL A 175 -14.74 -0.34 -6.19
CA VAL A 175 -13.34 -0.48 -5.78
C VAL A 175 -12.48 0.48 -6.58
N GLN A 176 -12.75 0.61 -7.88
CA GLN A 176 -11.96 1.52 -8.71
C GLN A 176 -12.11 2.96 -8.24
N GLN A 177 -13.27 3.30 -7.69
CA GLN A 177 -13.51 4.67 -7.25
C GLN A 177 -12.87 4.98 -5.92
N ILE A 178 -12.73 4.00 -5.02
CA ILE A 178 -12.44 4.25 -3.62
C ILE A 178 -11.07 3.71 -3.20
N THR A 179 -10.81 2.42 -3.45
CA THR A 179 -9.62 1.79 -2.87
C THR A 179 -8.54 1.40 -3.88
N ASN A 180 -8.86 1.25 -5.15
CA ASN A 180 -7.89 0.75 -6.14
C ASN A 180 -8.21 1.30 -7.52
N PRO A 181 -7.87 2.56 -7.79
CA PRO A 181 -8.16 3.14 -9.11
C PRO A 181 -7.52 2.41 -10.28
N ASP A 182 -6.41 1.71 -10.08
CA ASP A 182 -5.71 1.06 -11.18
C ASP A 182 -6.20 -0.36 -11.48
N LEU A 183 -7.18 -0.88 -10.75
CA LEU A 183 -7.69 -2.22 -11.01
C LEU A 183 -8.25 -2.30 -12.43
N LYS A 184 -7.82 -3.32 -13.17
CA LYS A 184 -8.30 -3.54 -14.53
C LYS A 184 -9.13 -4.81 -14.57
N LEU A 185 -10.38 -4.71 -15.02
CA LEU A 185 -11.18 -5.90 -15.26
C LEU A 185 -10.77 -6.50 -16.61
N LEU A 186 -10.08 -7.64 -16.59
CA LEU A 186 -9.67 -8.25 -17.84
C LEU A 186 -10.87 -8.87 -18.56
N GLY A 187 -11.75 -9.51 -17.81
CA GLY A 187 -12.97 -10.05 -18.38
C GLY A 187 -13.34 -11.35 -17.69
N ALA A 188 -14.31 -12.03 -18.30
CA ALA A 188 -14.84 -13.29 -17.80
C ALA A 188 -14.11 -14.47 -18.45
N LEU A 189 -13.71 -15.45 -17.64
CA LEU A 189 -13.19 -16.70 -18.16
C LEU A 189 -14.32 -17.71 -18.18
N PRO A 190 -14.81 -18.14 -19.35
CA PRO A 190 -15.90 -19.13 -19.36
C PRO A 190 -15.45 -20.44 -18.73
N THR A 191 -16.30 -21.01 -17.87
CA THR A 191 -16.01 -22.28 -17.23
C THR A 191 -17.20 -23.22 -17.37
N LEU A 192 -16.93 -24.51 -17.17
CA LEU A 192 -17.93 -25.57 -17.27
C LEU A 192 -18.61 -25.56 -18.65
N TYR A 193 -17.82 -25.22 -19.67
CA TYR A 193 -18.33 -25.21 -21.03
C TYR A 193 -18.72 -26.62 -21.48
N ASP A 194 -19.92 -26.74 -22.05
CA ASP A 194 -20.48 -28.03 -22.44
C ASP A 194 -20.45 -28.13 -23.96
N SER A 195 -19.68 -29.08 -24.49
CA SER A 195 -19.53 -29.21 -25.95
C SER A 195 -20.66 -29.98 -26.63
N ARG A 196 -21.67 -30.46 -25.88
CA ARG A 196 -22.68 -31.32 -26.48
C ARG A 196 -23.60 -30.56 -27.42
N THR A 197 -23.87 -29.29 -27.13
CA THR A 197 -24.77 -28.47 -27.92
C THR A 197 -24.16 -27.07 -28.04
N THR A 198 -24.88 -26.20 -28.74
CA THR A 198 -24.52 -24.79 -28.79
C THR A 198 -24.99 -24.01 -27.58
N HIS A 199 -25.52 -24.68 -26.55
CA HIS A 199 -26.10 -23.96 -25.42
C HIS A 199 -25.06 -23.10 -24.71
N SER A 200 -23.89 -23.66 -24.41
CA SER A 200 -22.88 -22.89 -23.68
C SER A 200 -22.43 -21.67 -24.48
N ARG A 201 -22.25 -21.83 -25.79
CA ARG A 201 -21.95 -20.69 -26.65
C ARG A 201 -23.04 -19.63 -26.55
N ASP A 202 -24.30 -20.05 -26.64
CA ASP A 202 -25.41 -19.10 -26.57
C ASP A 202 -25.45 -18.40 -25.22
N VAL A 203 -25.11 -19.13 -24.14
CA VAL A 203 -25.03 -18.52 -22.82
C VAL A 203 -23.98 -17.41 -22.82
N LEU A 204 -22.80 -17.70 -23.38
CA LEU A 204 -21.72 -16.71 -23.40
C LEU A 204 -22.09 -15.51 -24.26
N LEU A 205 -22.75 -15.74 -25.39
CA LEU A 205 -23.17 -14.63 -26.23
C LEU A 205 -24.20 -13.77 -25.52
N ASP A 206 -25.11 -14.39 -24.77
CA ASP A 206 -26.09 -13.64 -24.00
C ASP A 206 -25.41 -12.73 -22.98
N VAL A 207 -24.40 -13.25 -22.26
CA VAL A 207 -23.71 -12.45 -21.27
C VAL A 207 -22.95 -11.31 -21.94
N ALA A 208 -22.24 -11.60 -23.02
CA ALA A 208 -21.48 -10.55 -23.70
C ALA A 208 -22.40 -9.45 -24.20
N ASP A 209 -23.60 -9.84 -24.63
CA ASP A 209 -24.57 -8.88 -25.15
C ASP A 209 -25.08 -7.96 -24.06
N ARG A 210 -25.34 -8.51 -22.87
CA ARG A 210 -26.09 -7.76 -21.87
C ARG A 210 -25.23 -7.00 -20.89
N TYR A 211 -23.95 -7.36 -20.74
CA TYR A 211 -23.11 -6.81 -19.68
C TYR A 211 -21.85 -6.19 -20.27
N GLU A 212 -21.42 -5.07 -19.68
CA GLU A 212 -20.13 -4.46 -20.00
C GLU A 212 -19.03 -5.32 -19.40
N LEU A 213 -18.79 -6.46 -20.02
CA LEU A 213 -17.87 -7.46 -19.50
C LEU A 213 -17.27 -8.22 -20.68
N PRO A 214 -15.98 -8.05 -20.95
CA PRO A 214 -15.35 -8.86 -22.00
C PRO A 214 -15.44 -10.33 -21.62
N VAL A 215 -15.81 -11.16 -22.59
CA VAL A 215 -15.81 -12.62 -22.42
C VAL A 215 -14.55 -13.14 -23.09
N LEU A 216 -13.66 -13.75 -22.31
CA LEU A 216 -12.34 -14.10 -22.79
C LEU A 216 -12.31 -15.50 -23.38
N ALA A 217 -11.21 -15.83 -24.04
CA ALA A 217 -11.00 -17.11 -24.68
C ALA A 217 -9.69 -17.72 -24.21
N PRO A 218 -9.58 -19.05 -24.19
CA PRO A 218 -10.63 -20.01 -24.57
C PRO A 218 -11.51 -20.36 -23.39
N PRO A 219 -12.69 -20.94 -23.65
CA PRO A 219 -13.48 -21.47 -22.54
C PRO A 219 -12.80 -22.68 -21.94
N ILE A 220 -13.01 -22.88 -20.64
CA ILE A 220 -12.54 -24.08 -19.94
C ILE A 220 -13.65 -25.12 -20.04
N PRO A 221 -13.44 -26.25 -20.71
CA PRO A 221 -14.52 -27.22 -20.83
C PRO A 221 -14.77 -27.92 -19.52
N ARG A 222 -16.02 -28.36 -19.33
CA ARG A 222 -16.29 -29.28 -18.24
C ARG A 222 -15.67 -30.64 -18.55
N THR A 223 -15.00 -31.23 -17.57
CA THR A 223 -14.36 -32.53 -17.75
C THR A 223 -15.02 -33.61 -16.90
N SER A 235 -12.44 -28.78 -4.83
CA SER A 235 -11.97 -28.13 -6.05
C SER A 235 -10.88 -28.96 -6.75
N VAL A 236 -10.43 -28.52 -7.91
CA VAL A 236 -9.59 -29.33 -8.79
C VAL A 236 -8.32 -28.57 -9.17
N LEU A 237 -7.41 -29.28 -9.83
CA LEU A 237 -6.20 -28.68 -10.39
C LEU A 237 -5.89 -29.45 -11.68
N ALA A 238 -6.19 -28.84 -12.82
CA ALA A 238 -6.04 -29.48 -14.12
C ALA A 238 -4.66 -29.14 -14.67
N GLY A 239 -3.72 -30.09 -14.56
CA GLY A 239 -2.37 -29.86 -15.02
C GLY A 239 -1.83 -30.89 -16.00
N ARG A 240 -2.65 -31.86 -16.42
CA ARG A 240 -2.16 -32.97 -17.24
C ARG A 240 -2.29 -32.67 -18.74
N LYS A 241 -2.66 -33.69 -19.52
CA LYS A 241 -2.86 -33.56 -20.96
C LYS A 241 -4.34 -33.65 -21.34
N SER A 242 -5.22 -33.13 -20.49
CA SER A 242 -6.65 -33.09 -20.74
C SER A 242 -7.04 -31.82 -21.48
N LYS A 243 -8.26 -31.82 -22.03
CA LYS A 243 -8.77 -30.61 -22.68
C LYS A 243 -8.86 -29.45 -21.71
N GLY A 244 -9.23 -29.73 -20.45
CA GLY A 244 -9.29 -28.65 -19.46
C GLY A 244 -7.91 -28.07 -19.17
N ALA A 245 -6.92 -28.94 -18.96
CA ALA A 245 -5.57 -28.46 -18.74
C ALA A 245 -5.05 -27.71 -19.96
N ILE A 246 -5.30 -28.25 -21.16
CA ILE A 246 -4.88 -27.56 -22.38
C ILE A 246 -5.46 -26.16 -22.44
N ALA A 247 -6.74 -26.00 -22.07
CA ALA A 247 -7.36 -24.69 -22.13
C ALA A 247 -6.76 -23.73 -21.09
N TYR A 248 -6.53 -24.22 -19.88
CA TYR A 248 -5.91 -23.38 -18.85
C TYR A 248 -4.52 -22.95 -19.27
N ARG A 249 -3.74 -23.84 -19.87
CA ARG A 249 -2.40 -23.44 -20.30
C ARG A 249 -2.47 -22.41 -21.43
N GLU A 250 -3.44 -22.57 -22.33
CA GLU A 250 -3.64 -21.57 -23.38
C GLU A 250 -4.02 -20.22 -22.78
N PHE A 251 -4.93 -20.21 -21.80
CA PHE A 251 -5.31 -18.95 -21.16
C PHE A 251 -4.13 -18.36 -20.37
N ALA A 252 -3.37 -19.22 -19.70
CA ALA A 252 -2.20 -18.71 -18.96
C ALA A 252 -1.20 -18.08 -19.91
N ASP A 253 -1.06 -18.64 -21.11
CA ASP A 253 -0.19 -18.03 -22.11
C ASP A 253 -0.68 -16.66 -22.52
N ALA A 254 -2.01 -16.50 -22.63
CA ALA A 254 -2.58 -15.20 -22.97
C ALA A 254 -2.27 -14.17 -21.89
N LEU A 255 -2.40 -14.56 -20.62
CA LEU A 255 -2.02 -13.68 -19.51
C LEU A 255 -0.56 -13.28 -19.61
N LEU A 256 0.33 -14.25 -19.84
CA LEU A 256 1.75 -13.96 -19.98
C LEU A 256 2.01 -12.96 -21.08
N ARG A 257 1.39 -13.17 -22.25
CA ARG A 257 1.62 -12.23 -23.35
C ARG A 257 1.09 -10.86 -23.00
N HIS A 258 -0.09 -10.79 -22.39
CA HIS A 258 -0.67 -9.52 -22.00
C HIS A 258 0.24 -8.77 -21.03
N TRP A 259 0.83 -9.48 -20.06
CA TRP A 259 1.67 -8.80 -19.08
C TRP A 259 3.03 -8.42 -19.67
N LYS A 260 3.52 -9.17 -20.66
CA LYS A 260 4.83 -8.90 -21.22
C LYS A 260 4.80 -7.84 -22.32
N SER A 261 3.84 -7.91 -23.24
CA SER A 261 3.80 -7.02 -24.39
C SER A 261 2.61 -6.06 -24.41
N GLY A 262 1.72 -6.13 -23.43
CA GLY A 262 0.51 -5.32 -23.47
C GLY A 262 -0.55 -5.83 -24.42
N ARG A 263 -0.33 -7.01 -25.02
CA ARG A 263 -1.32 -7.62 -25.89
C ARG A 263 -2.66 -7.73 -25.18
N LYS A 264 -3.71 -7.21 -25.81
CA LYS A 264 -5.05 -7.33 -25.25
C LYS A 264 -5.43 -8.80 -25.15
N MET A 265 -6.15 -9.16 -24.09
CA MET A 265 -6.60 -10.53 -23.91
C MET A 265 -7.53 -10.93 -25.04
N PRO A 266 -7.30 -12.06 -25.71
CA PRO A 266 -8.22 -12.50 -26.76
C PRO A 266 -9.63 -12.74 -26.22
N THR A 267 -10.64 -12.44 -27.03
CA THR A 267 -12.03 -12.57 -26.61
C THR A 267 -12.73 -13.73 -27.31
N PHE A 268 -13.68 -14.32 -26.59
CA PHE A 268 -14.54 -15.37 -27.15
C PHE A 268 -15.39 -14.83 -28.29
N THR A 269 -15.91 -13.62 -28.11
CA THR A 269 -16.65 -12.96 -29.18
C THR A 269 -16.21 -11.51 -29.15
N PRO A 270 -16.05 -10.88 -30.33
CA PRO A 270 -15.44 -9.55 -30.36
C PRO A 270 -16.37 -8.41 -29.90
N VAL B 9 3.54 8.24 -8.60
CA VAL B 9 4.88 8.71 -8.31
C VAL B 9 5.05 8.89 -6.80
N THR B 10 6.28 8.72 -6.32
CA THR B 10 6.55 8.76 -4.88
C THR B 10 6.42 10.20 -4.37
N ARG B 11 5.58 10.39 -3.36
CA ARG B 11 5.47 11.67 -2.67
CA ARG B 11 5.46 11.67 -2.66
C ARG B 11 6.41 11.70 -1.48
N VAL B 12 7.09 12.81 -1.29
CA VAL B 12 8.05 12.97 -0.20
C VAL B 12 7.63 14.18 0.62
N LEU B 13 7.37 13.96 1.91
CA LEU B 13 6.90 14.98 2.83
C LEU B 13 7.97 15.22 3.88
N ALA B 14 8.42 16.46 4.03
CA ALA B 14 9.32 16.81 5.12
C ALA B 14 8.51 17.38 6.28
N VAL B 15 8.86 17.00 7.50
CA VAL B 15 8.23 17.54 8.70
C VAL B 15 9.32 18.27 9.48
N ALA B 16 9.22 19.59 9.59
CA ALA B 16 10.36 20.35 10.07
C ALA B 16 9.92 21.58 10.85
N ASN B 17 10.81 22.02 11.73
CA ASN B 17 10.68 23.19 12.60
C ASN B 17 11.93 23.20 13.45
N GLN B 18 12.71 24.28 13.40
CA GLN B 18 13.96 24.28 14.17
C GLN B 18 13.73 24.43 15.67
N LYS B 19 12.52 24.79 16.09
CA LYS B 19 12.18 24.86 17.51
C LYS B 19 11.94 23.45 18.04
N GLY B 20 12.58 23.12 19.16
CA GLY B 20 12.46 21.78 19.70
C GLY B 20 11.14 21.57 20.42
N GLY B 21 10.68 20.32 20.40
CA GLY B 21 9.56 19.92 21.23
C GLY B 21 8.18 20.27 20.73
N VAL B 22 8.01 20.45 19.42
CA VAL B 22 6.74 20.89 18.84
C VAL B 22 5.96 19.75 18.19
N ALA B 23 6.39 18.50 18.41
CA ALA B 23 5.78 17.25 17.96
C ALA B 23 6.11 16.88 16.52
N LYS B 24 7.30 17.22 16.03
CA LYS B 24 7.72 16.75 14.71
C LYS B 24 7.72 15.23 14.65
N THR B 25 8.43 14.59 15.57
CA THR B 25 8.58 13.14 15.54
C THR B 25 7.25 12.43 15.72
N THR B 26 6.47 12.85 16.71
CA THR B 26 5.13 12.30 16.91
C THR B 26 4.31 12.41 15.62
N THR B 27 4.41 13.54 14.93
CA THR B 27 3.65 13.75 13.71
C THR B 27 4.12 12.84 12.58
N VAL B 28 5.44 12.64 12.46
CA VAL B 28 5.94 11.77 11.39
C VAL B 28 5.41 10.36 11.58
N ALA B 29 5.58 9.80 12.77
CA ALA B 29 5.17 8.42 13.01
C ALA B 29 3.67 8.27 12.88
N SER B 30 2.90 9.27 13.33
CA SER B 30 1.44 9.14 13.32
C SER B 30 0.87 9.29 11.92
N ILE B 31 1.36 10.25 11.13
CA ILE B 31 0.92 10.34 9.75
C ILE B 31 1.34 9.09 9.00
N GLY B 32 2.57 8.61 9.25
CA GLY B 32 3.01 7.39 8.59
C GLY B 32 2.10 6.20 8.88
N ALA B 33 1.68 6.06 10.13
CA ALA B 33 0.79 4.95 10.47
C ALA B 33 -0.58 5.12 9.83
N ALA B 34 -1.08 6.35 9.74
CA ALA B 34 -2.40 6.57 9.17
C ALA B 34 -2.41 6.29 7.67
N LEU B 35 -1.35 6.70 6.98
CA LEU B 35 -1.24 6.41 5.54
C LEU B 35 -1.07 4.92 5.29
N THR B 36 -0.37 4.23 6.20
CA THR B 36 -0.24 2.78 6.08
C THR B 36 -1.59 2.09 6.26
N GLU B 37 -2.43 2.60 7.17
CA GLU B 37 -3.80 2.07 7.29
C GLU B 37 -4.54 2.18 5.97
N GLN B 38 -4.31 3.26 5.24
CA GLN B 38 -4.97 3.49 3.97
C GLN B 38 -4.21 2.86 2.79
N GLY B 39 -3.34 1.89 3.06
CA GLY B 39 -2.75 1.09 2.01
C GLY B 39 -1.55 1.69 1.29
N ARG B 40 -1.02 2.82 1.74
CA ARG B 40 0.16 3.38 1.11
C ARG B 40 1.39 2.69 1.68
N ARG B 41 2.37 2.43 0.81
CA ARG B 41 3.66 1.91 1.26
C ARG B 41 4.49 3.10 1.75
N VAL B 42 4.81 3.12 3.05
CA VAL B 42 5.37 4.29 3.69
C VAL B 42 6.80 3.99 4.11
N LEU B 43 7.71 4.90 3.76
CA LEU B 43 9.07 4.96 4.32
C LEU B 43 9.18 6.18 5.21
N LEU B 44 9.66 5.97 6.44
CA LEU B 44 9.99 7.06 7.35
C LEU B 44 11.49 7.21 7.41
N VAL B 45 11.97 8.46 7.42
CA VAL B 45 13.40 8.75 7.49
C VAL B 45 13.66 9.56 8.75
N ASP B 46 14.56 9.07 9.60
CA ASP B 46 14.95 9.77 10.82
C ASP B 46 16.21 10.57 10.51
N LEU B 47 16.12 11.90 10.55
CA LEU B 47 17.31 12.72 10.36
C LEU B 47 17.80 13.39 11.65
N ASP B 48 17.34 12.92 12.81
CA ASP B 48 17.83 13.46 14.08
C ASP B 48 18.88 12.52 14.67
N PRO B 49 20.11 12.96 14.87
CA PRO B 49 21.10 12.10 15.54
C PRO B 49 20.63 11.58 16.89
N GLN B 50 19.69 12.28 17.54
CA GLN B 50 19.18 11.81 18.82
C GLN B 50 18.27 10.59 18.68
N GLY B 51 17.85 10.25 17.47
CA GLY B 51 17.16 8.98 17.24
C GLY B 51 15.77 8.86 17.82
N CYS B 52 15.06 9.97 18.04
CA CYS B 52 13.75 9.91 18.68
C CYS B 52 12.76 9.05 17.88
N LEU B 53 12.65 9.31 16.58
CA LEU B 53 11.74 8.52 15.75
C LEU B 53 12.12 7.05 15.78
N THR B 54 13.42 6.77 15.61
CA THR B 54 13.90 5.39 15.57
C THR B 54 13.58 4.67 16.87
N PHE B 55 13.84 5.32 18.01
CA PHE B 55 13.54 4.70 19.30
C PHE B 55 12.05 4.51 19.48
N SER B 56 11.24 5.52 19.14
CA SER B 56 9.79 5.45 19.30
C SER B 56 9.18 4.33 18.48
N LEU B 57 9.85 3.91 17.41
CA LEU B 57 9.37 2.81 16.57
C LEU B 57 10.01 1.47 16.93
N GLY B 58 10.66 1.38 18.09
CA GLY B 58 11.08 0.11 18.63
C GLY B 58 12.50 -0.32 18.32
N HIS B 59 13.34 0.56 17.78
CA HIS B 59 14.73 0.23 17.51
C HIS B 59 15.64 1.03 18.43
N ASP B 60 16.54 0.35 19.11
CA ASP B 60 17.54 1.02 19.94
C ASP B 60 18.59 1.66 19.05
N PRO B 61 18.64 2.99 18.92
CA PRO B 61 19.62 3.58 18.00
C PRO B 61 21.04 3.17 18.29
N ASP B 62 21.40 3.05 19.57
CA ASP B 62 22.78 2.78 19.96
C ASP B 62 23.27 1.43 19.44
N LYS B 63 22.37 0.50 19.13
CA LYS B 63 22.76 -0.83 18.71
C LYS B 63 22.57 -1.08 17.21
N LEU B 64 22.17 -0.07 16.44
CA LEU B 64 22.02 -0.26 15.00
C LEU B 64 23.38 -0.53 14.36
N PRO B 65 23.49 -1.53 13.48
CA PRO B 65 24.78 -1.79 12.84
C PRO B 65 25.17 -0.72 11.82
N VAL B 66 24.18 -0.14 11.13
CA VAL B 66 24.37 0.97 10.20
C VAL B 66 23.13 1.84 10.27
N SER B 67 23.22 3.04 9.72
CA SER B 67 22.08 3.94 9.79
C SER B 67 22.11 4.89 8.59
N VAL B 68 21.22 5.88 8.61
CA VAL B 68 21.17 6.91 7.59
C VAL B 68 22.49 7.67 7.49
N HIS B 69 23.30 7.65 8.55
CA HIS B 69 24.62 8.26 8.49
C HIS B 69 25.48 7.66 7.38
N GLU B 70 25.62 6.32 7.37
CA GLU B 70 26.36 5.66 6.29
C GLU B 70 25.71 5.88 4.93
N VAL B 71 24.39 5.99 4.89
CA VAL B 71 23.71 6.24 3.62
C VAL B 71 24.06 7.62 3.08
N LEU B 72 23.98 8.65 3.94
CA LEU B 72 24.26 10.01 3.46
C LEU B 72 25.71 10.17 3.04
N LEU B 73 26.63 9.43 3.68
CA LEU B 73 28.03 9.50 3.29
C LEU B 73 28.36 8.66 2.08
N GLY B 74 27.43 7.84 1.60
CA GLY B 74 27.67 7.00 0.46
C GLY B 74 28.39 5.72 0.75
N ASP B 75 28.59 5.38 2.03
CA ASP B 75 29.30 4.17 2.42
C ASP B 75 28.43 2.93 2.34
N VAL B 76 27.11 3.09 2.34
CA VAL B 76 26.16 1.98 2.41
C VAL B 76 24.98 2.34 1.52
N GLU B 77 24.51 1.36 0.75
CA GLU B 77 23.35 1.61 -0.09
C GLU B 77 22.09 1.75 0.77
N PRO B 78 21.14 2.59 0.35
CA PRO B 78 19.97 2.86 1.20
C PRO B 78 19.23 1.62 1.66
N SER B 79 19.02 0.65 0.76
CA SER B 79 18.25 -0.54 1.12
C SER B 79 18.92 -1.32 2.25
N ALA B 80 20.25 -1.22 2.35
CA ALA B 80 20.98 -1.98 3.37
C ALA B 80 20.75 -1.46 4.78
N ALA B 81 20.31 -0.21 4.95
CA ALA B 81 20.06 0.35 6.26
C ALA B 81 18.59 0.31 6.68
N LEU B 82 17.69 -0.13 5.80
CA LEU B 82 16.27 -0.10 6.13
C LEU B 82 15.92 -1.18 7.14
N VAL B 83 14.98 -0.84 8.04
CA VAL B 83 14.46 -1.77 9.03
C VAL B 83 12.93 -1.70 9.01
N ARG B 84 12.29 -2.76 9.48
CA ARG B 84 10.84 -2.81 9.53
C ARG B 84 10.31 -2.24 10.84
N THR B 85 9.04 -1.87 10.86
CA THR B 85 8.39 -1.39 12.08
C THR B 85 7.11 -2.19 12.32
N ASP B 86 6.65 -2.17 13.57
CA ASP B 86 5.53 -3.00 13.98
C ASP B 86 4.22 -2.62 13.31
N GLU B 87 4.07 -1.38 12.85
CA GLU B 87 2.84 -0.96 12.18
C GLU B 87 2.88 -1.13 10.67
N GLY B 88 3.96 -1.67 10.13
CA GLY B 88 4.06 -1.88 8.71
C GLY B 88 4.74 -0.77 7.94
N MET B 89 5.25 0.25 8.62
CA MET B 89 6.10 1.23 7.93
C MET B 89 7.50 0.64 7.76
N THR B 90 8.24 1.20 6.81
CA THR B 90 9.66 0.94 6.70
C THR B 90 10.40 2.17 7.24
N LEU B 91 11.55 1.95 7.87
CA LEU B 91 12.28 3.01 8.53
C LEU B 91 13.72 3.06 8.06
N LEU B 92 14.18 4.26 7.70
CA LEU B 92 15.58 4.54 7.49
C LEU B 92 16.06 5.20 8.77
N PRO B 93 16.73 4.48 9.68
CA PRO B 93 16.87 4.95 11.06
C PRO B 93 18.11 5.81 11.26
N ALA B 94 18.18 6.43 12.43
CA ALA B 94 19.30 7.28 12.81
C ALA B 94 19.81 6.92 14.20
N ASN B 95 21.07 7.26 14.46
CA ASN B 95 21.66 7.21 15.79
C ASN B 95 22.69 8.33 15.88
N ILE B 96 23.42 8.36 16.99
CA ILE B 96 24.23 9.54 17.26
C ILE B 96 25.37 9.71 16.25
N ASP B 97 25.72 8.65 15.51
CA ASP B 97 26.75 8.78 14.49
C ASP B 97 26.43 9.92 13.52
N LEU B 98 25.14 10.13 13.25
CA LEU B 98 24.69 11.13 12.30
C LEU B 98 25.14 12.54 12.68
N ALA B 99 25.49 12.76 13.94
CA ALA B 99 26.02 14.08 14.31
C ALA B 99 27.32 14.38 13.60
N GLY B 100 28.04 13.35 13.13
CA GLY B 100 29.26 13.54 12.39
C GLY B 100 29.08 13.82 10.92
N ALA B 101 27.86 13.72 10.39
CA ALA B 101 27.68 13.85 8.95
C ALA B 101 27.94 15.27 8.51
N GLU B 102 27.68 16.24 9.37
CA GLU B 102 27.80 17.65 9.00
C GLU B 102 29.25 18.04 8.71
N ALA B 103 30.21 17.52 9.49
CA ALA B 103 31.60 17.84 9.23
C ALA B 103 32.11 17.12 8.00
N MET B 104 31.60 15.91 7.74
CA MET B 104 32.02 15.16 6.57
C MET B 104 31.41 15.75 5.30
N LEU B 105 30.11 16.10 5.36
CA LEU B 105 29.44 16.63 4.18
C LEU B 105 29.83 18.06 3.88
N LEU B 106 30.33 18.82 4.88
CA LEU B 106 30.68 20.21 4.65
C LEU B 106 31.71 20.35 3.54
N MET B 107 32.54 19.33 3.33
CA MET B 107 33.61 19.38 2.35
C MET B 107 33.29 18.58 1.08
N ARG B 108 32.01 18.30 0.82
CA ARG B 108 31.60 17.51 -0.33
C ARG B 108 30.69 18.34 -1.23
N ALA B 109 30.87 18.21 -2.54
CA ALA B 109 29.96 18.85 -3.47
C ALA B 109 28.64 18.07 -3.53
N GLY B 110 27.55 18.80 -3.66
CA GLY B 110 26.25 18.17 -3.64
C GLY B 110 25.84 17.68 -2.26
N ARG B 111 26.35 18.32 -1.20
CA ARG B 111 26.07 17.87 0.16
C ARG B 111 24.61 18.01 0.54
N GLU B 112 23.90 18.98 -0.06
CA GLU B 112 22.47 19.14 0.24
C GLU B 112 21.61 18.06 -0.42
N TYR B 113 22.17 17.30 -1.35
CA TYR B 113 21.42 16.36 -2.17
C TYR B 113 21.63 14.92 -1.77
N ALA B 114 22.33 14.67 -0.65
CA ALA B 114 22.71 13.31 -0.30
C ALA B 114 21.48 12.45 -0.02
N LEU B 115 20.49 12.99 0.69
CA LEU B 115 19.26 12.22 0.92
C LEU B 115 18.47 12.07 -0.37
N LYS B 116 18.41 13.12 -1.18
CA LYS B 116 17.66 13.04 -2.42
C LYS B 116 18.22 11.96 -3.34
N ARG B 117 19.56 11.88 -3.45
CA ARG B 117 20.18 10.83 -4.25
C ARG B 117 19.86 9.45 -3.68
N ALA B 118 19.84 9.33 -2.35
CA ALA B 118 19.55 8.03 -1.73
C ALA B 118 18.12 7.61 -1.99
N LEU B 119 17.17 8.54 -1.84
CA LEU B 119 15.77 8.19 -2.05
C LEU B 119 15.51 7.83 -3.50
N ALA B 120 16.24 8.43 -4.44
CA ALA B 120 16.05 8.10 -5.85
C ALA B 120 16.37 6.64 -6.14
N LYS B 121 17.27 6.04 -5.36
CA LYS B 121 17.57 4.63 -5.50
C LYS B 121 16.41 3.75 -5.05
N LEU B 122 15.54 4.26 -4.18
CA LEU B 122 14.38 3.53 -3.68
C LEU B 122 13.10 3.87 -4.41
N ASP B 123 13.15 4.73 -5.44
CA ASP B 123 11.93 5.16 -6.11
C ASP B 123 11.19 3.97 -6.71
N GLY B 124 9.88 3.91 -6.45
CA GLY B 124 9.07 2.79 -6.84
C GLY B 124 8.88 1.74 -5.79
N ASP B 125 9.70 1.75 -4.73
CA ASP B 125 9.44 0.87 -3.60
C ASP B 125 8.44 1.46 -2.63
N PHE B 126 8.22 2.77 -2.67
CA PHE B 126 7.34 3.41 -1.72
C PHE B 126 6.38 4.36 -2.43
N ASP B 127 5.21 4.54 -1.83
CA ASP B 127 4.25 5.56 -2.26
C ASP B 127 4.51 6.89 -1.57
N VAL B 128 4.87 6.86 -0.29
CA VAL B 128 5.07 8.07 0.51
C VAL B 128 6.33 7.89 1.34
N VAL B 129 7.19 8.92 1.35
CA VAL B 129 8.33 9.04 2.24
C VAL B 129 8.08 10.23 3.14
N ILE B 130 8.22 10.05 4.45
CA ILE B 130 8.09 11.15 5.39
C ILE B 130 9.41 11.30 6.14
N ILE B 131 9.92 12.54 6.20
CA ILE B 131 11.25 12.82 6.72
C ILE B 131 11.11 13.61 8.01
N ASP B 132 11.66 13.07 9.11
CA ASP B 132 11.64 13.70 10.43
C ASP B 132 12.91 14.54 10.59
N CYS B 133 12.76 15.91 10.53
CA CYS B 133 13.96 16.72 10.58
C CYS B 133 14.31 17.07 12.02
N PRO B 134 15.61 17.21 12.32
CA PRO B 134 16.02 17.60 13.67
C PRO B 134 15.66 19.05 13.95
N PRO B 135 15.72 19.50 15.29
CA PRO B 135 15.50 20.91 15.65
C PRO B 135 16.71 21.76 15.30
N SER B 136 16.89 21.99 14.00
CA SER B 136 18.04 22.76 13.52
C SER B 136 17.77 23.18 12.09
N LEU B 137 18.64 24.07 11.61
CA LEU B 137 18.58 24.56 10.24
C LEU B 137 19.85 24.23 9.47
N GLY B 138 20.58 23.19 9.89
CA GLY B 138 21.83 22.81 9.29
C GLY B 138 21.66 21.83 8.15
N VAL B 139 22.76 21.11 7.85
CA VAL B 139 22.82 20.29 6.64
C VAL B 139 21.79 19.16 6.67
N LEU B 140 21.44 18.64 7.85
CA LEU B 140 20.47 17.54 7.87
C LEU B 140 19.07 18.02 7.47
N THR B 141 18.61 19.10 8.10
CA THR B 141 17.33 19.67 7.72
C THR B 141 17.35 20.11 6.25
N LEU B 142 18.46 20.70 5.80
CA LEU B 142 18.58 21.06 4.38
C LEU B 142 18.47 19.83 3.49
N ASN B 143 19.03 18.69 3.90
CA ASN B 143 18.87 17.48 3.10
C ASN B 143 17.41 17.05 3.05
N GLY B 144 16.71 17.18 4.17
CA GLY B 144 15.31 16.78 4.19
C GLY B 144 14.46 17.67 3.30
N LEU B 145 14.70 18.98 3.35
CA LEU B 145 13.91 19.89 2.53
C LEU B 145 14.28 19.79 1.05
N THR B 146 15.55 19.48 0.75
CA THR B 146 15.98 19.33 -0.65
C THR B 146 15.42 18.06 -1.27
N ALA B 147 15.14 17.04 -0.46
CA ALA B 147 14.58 15.78 -0.96
C ALA B 147 13.06 15.80 -1.09
N ALA B 148 12.38 16.71 -0.41
CA ALA B 148 10.94 16.66 -0.26
C ALA B 148 10.23 17.37 -1.41
N HIS B 149 9.02 16.91 -1.71
CA HIS B 149 8.13 17.68 -2.57
C HIS B 149 7.27 18.65 -1.78
N ASP B 150 6.87 18.27 -0.57
CA ASP B 150 6.01 19.08 0.29
C ASP B 150 6.64 19.17 1.68
N VAL B 151 6.35 20.26 2.40
CA VAL B 151 6.82 20.39 3.77
C VAL B 151 5.69 20.91 4.64
N ILE B 152 5.57 20.36 5.85
CA ILE B 152 4.68 20.91 6.86
C ILE B 152 5.50 21.30 8.09
N VAL B 153 5.02 22.31 8.80
CA VAL B 153 5.69 22.77 10.03
CA VAL B 153 5.66 22.81 10.02
C VAL B 153 4.75 22.54 11.20
N PRO B 154 5.01 21.52 12.03
CA PRO B 154 4.22 21.37 13.25
C PRO B 154 4.44 22.59 14.11
N LEU B 155 3.36 23.16 14.62
CA LEU B 155 3.40 24.45 15.29
C LEU B 155 2.68 24.33 16.62
N GLN B 156 3.44 24.34 17.73
CA GLN B 156 2.80 24.25 19.04
C GLN B 156 1.94 25.49 19.30
N CYS B 157 0.77 25.28 19.89
CA CYS B 157 -0.12 26.38 20.18
C CYS B 157 -0.57 26.35 21.63
N GLU B 158 0.34 26.05 22.53
CA GLU B 158 0.02 26.27 23.94
C GLU B 158 0.68 27.51 24.51
N THR B 159 1.75 28.02 23.90
CA THR B 159 2.32 29.31 24.27
C THR B 159 2.45 30.19 23.04
N LEU B 160 2.85 31.45 23.26
CA LEU B 160 2.97 32.43 22.21
C LEU B 160 4.40 32.57 21.68
N ALA B 161 5.28 31.62 21.99
CA ALA B 161 6.70 31.71 21.66
C ALA B 161 6.93 31.19 20.25
N HIS B 162 6.85 32.09 19.26
CA HIS B 162 7.02 31.70 17.87
C HIS B 162 8.03 32.58 17.14
N ARG B 163 9.06 33.09 17.82
CA ARG B 163 9.95 33.99 17.11
C ARG B 163 10.75 33.29 16.02
N GLY B 164 10.86 31.97 16.07
CA GLY B 164 11.59 31.28 15.03
C GLY B 164 10.85 31.05 13.74
N VAL B 165 9.54 31.36 13.68
CA VAL B 165 8.77 31.06 12.48
C VAL B 165 9.33 31.84 11.29
N GLY B 166 9.69 33.10 11.50
CA GLY B 166 10.20 33.90 10.40
C GLY B 166 11.44 33.31 9.74
N GLN B 167 12.42 32.92 10.56
CA GLN B 167 13.62 32.32 9.99
C GLN B 167 13.32 30.96 9.39
N PHE B 168 12.34 30.23 9.92
CA PHE B 168 11.99 28.96 9.28
C PHE B 168 11.44 29.19 7.88
N LEU B 169 10.55 30.16 7.73
CA LEU B 169 10.01 30.44 6.39
C LEU B 169 11.10 30.90 5.44
N ARG B 170 12.11 31.61 5.95
CA ARG B 170 13.22 32.02 5.11
C ARG B 170 14.06 30.83 4.69
N THR B 171 14.15 29.80 5.54
CA THR B 171 14.87 28.59 5.18
C THR B 171 14.16 27.84 4.06
N ILE B 172 12.83 27.80 4.13
CA ILE B 172 12.05 27.19 3.04
CA ILE B 172 12.05 27.19 3.04
C ILE B 172 12.31 27.92 1.74
N SER B 173 12.22 29.26 1.75
CA SER B 173 12.41 30.00 0.51
C SER B 173 13.84 29.87 -0.01
N ASP B 174 14.83 29.79 0.88
CA ASP B 174 16.21 29.54 0.47
C ASP B 174 16.31 28.25 -0.33
N VAL B 175 15.69 27.19 0.18
CA VAL B 175 15.70 25.91 -0.53
C VAL B 175 14.99 26.04 -1.88
N GLN B 176 13.81 26.68 -1.89
CA GLN B 176 13.08 26.84 -3.14
C GLN B 176 13.86 27.65 -4.16
N GLN B 177 14.67 28.59 -3.69
CA GLN B 177 15.42 29.48 -4.56
C GLN B 177 16.70 28.84 -5.08
N ILE B 178 17.15 27.73 -4.50
CA ILE B 178 18.41 27.14 -4.94
C ILE B 178 18.26 25.64 -5.19
N THR B 179 18.11 24.84 -4.13
CA THR B 179 18.30 23.40 -4.28
C THR B 179 17.04 22.63 -4.64
N ASN B 180 15.85 23.20 -4.48
CA ASN B 180 14.61 22.45 -4.68
C ASN B 180 13.50 23.41 -5.09
N PRO B 181 13.51 23.86 -6.34
CA PRO B 181 12.53 24.85 -6.77
C PRO B 181 11.10 24.33 -6.71
N ASP B 182 10.91 23.01 -6.63
CA ASP B 182 9.59 22.42 -6.60
C ASP B 182 9.02 22.26 -5.21
N LEU B 183 9.75 22.64 -4.15
CA LEU B 183 9.27 22.40 -2.80
C LEU B 183 8.05 23.27 -2.50
N LYS B 184 6.99 22.66 -1.99
CA LYS B 184 5.78 23.39 -1.62
C LYS B 184 5.59 23.38 -0.11
N LEU B 185 5.41 24.56 0.48
CA LEU B 185 5.03 24.65 1.88
C LEU B 185 3.52 24.46 1.96
N LEU B 186 3.07 23.34 2.53
CA LEU B 186 1.64 23.14 2.69
C LEU B 186 1.08 24.01 3.79
N GLY B 187 1.80 24.17 4.87
CA GLY B 187 1.38 25.05 5.94
C GLY B 187 1.83 24.52 7.29
N ALA B 188 1.24 25.10 8.34
CA ALA B 188 1.54 24.72 9.71
C ALA B 188 0.49 23.74 10.23
N LEU B 189 0.94 22.65 10.86
CA LEU B 189 0.03 21.75 11.53
C LEU B 189 -0.02 22.12 13.01
N PRO B 190 -1.14 22.60 13.54
CA PRO B 190 -1.18 22.95 14.97
C PRO B 190 -1.03 21.71 15.81
N THR B 191 -0.19 21.81 16.84
CA THR B 191 0.04 20.71 17.78
C THR B 191 -0.13 21.24 19.20
N LEU B 192 -0.37 20.31 20.13
CA LEU B 192 -0.60 20.63 21.55
C LEU B 192 -1.77 21.59 21.74
N TYR B 193 -2.78 21.47 20.87
CA TYR B 193 -3.94 22.34 20.91
C TYR B 193 -4.84 21.98 22.08
N ASP B 194 -5.21 22.99 22.88
CA ASP B 194 -6.01 22.80 24.08
C ASP B 194 -7.36 23.48 23.89
N SER B 195 -8.43 22.68 23.86
CA SER B 195 -9.77 23.20 23.66
C SER B 195 -10.42 23.67 24.96
N ARG B 196 -9.77 23.48 26.10
CA ARG B 196 -10.38 23.88 27.37
C ARG B 196 -10.48 25.40 27.50
N THR B 197 -9.57 26.14 26.87
CA THR B 197 -9.61 27.60 26.83
C THR B 197 -9.43 28.06 25.39
N THR B 198 -9.64 29.35 25.17
CA THR B 198 -9.47 29.96 23.86
C THR B 198 -8.01 30.25 23.52
N HIS B 199 -7.09 29.98 24.44
CA HIS B 199 -5.70 30.40 24.24
C HIS B 199 -5.10 29.78 22.99
N SER B 200 -5.24 28.46 22.82
CA SER B 200 -4.71 27.79 21.63
C SER B 200 -5.29 28.41 20.36
N ARG B 201 -6.62 28.59 20.33
CA ARG B 201 -7.23 29.21 19.16
C ARG B 201 -6.66 30.61 18.92
N ASP B 202 -6.49 31.38 20.00
CA ASP B 202 -5.94 32.73 19.89
C ASP B 202 -4.51 32.70 19.37
N VAL B 203 -3.71 31.72 19.83
CA VAL B 203 -2.33 31.59 19.35
C VAL B 203 -2.32 31.32 17.85
N LEU B 204 -3.22 30.45 17.38
CA LEU B 204 -3.24 30.13 15.95
C LEU B 204 -3.68 31.32 15.11
N LEU B 205 -4.72 32.03 15.55
CA LEU B 205 -5.14 33.21 14.81
C LEU B 205 -4.03 34.26 14.77
N ASP B 206 -3.29 34.40 15.87
CA ASP B 206 -2.18 35.36 15.91
C ASP B 206 -1.09 34.97 14.90
N VAL B 207 -0.70 33.69 14.89
CA VAL B 207 0.32 33.24 13.96
C VAL B 207 -0.14 33.48 12.51
N ALA B 208 -1.40 33.14 12.21
CA ALA B 208 -1.89 33.30 10.85
C ALA B 208 -1.92 34.78 10.45
N ASP B 209 -2.19 35.67 11.40
CA ASP B 209 -2.22 37.09 11.08
C ASP B 209 -0.85 37.61 10.71
N ARG B 210 0.21 37.13 11.37
CA ARG B 210 1.50 37.78 11.22
C ARG B 210 2.40 37.13 10.17
N TYR B 211 2.12 35.89 9.75
CA TYR B 211 3.02 35.14 8.91
C TYR B 211 2.32 34.64 7.65
N GLU B 212 3.08 34.59 6.55
CA GLU B 212 2.61 34.01 5.29
C GLU B 212 2.74 32.50 5.39
N LEU B 213 1.83 31.92 6.14
CA LEU B 213 1.89 30.53 6.50
C LEU B 213 0.47 30.01 6.69
N PRO B 214 -0.05 29.20 5.78
CA PRO B 214 -1.37 28.59 5.99
C PRO B 214 -1.39 27.80 7.29
N VAL B 215 -2.45 27.97 8.06
CA VAL B 215 -2.65 27.17 9.26
C VAL B 215 -3.65 26.07 8.94
N LEU B 216 -3.22 24.83 9.08
CA LEU B 216 -3.96 23.70 8.57
C LEU B 216 -4.88 23.11 9.63
N ALA B 217 -5.80 22.25 9.18
CA ALA B 217 -6.80 21.62 10.02
C ALA B 217 -6.80 20.11 9.79
N PRO B 218 -7.18 19.32 10.79
CA PRO B 218 -7.53 19.76 12.15
C PRO B 218 -6.29 20.00 13.01
N PRO B 219 -6.41 20.80 14.06
CA PRO B 219 -5.33 20.85 15.06
C PRO B 219 -5.19 19.50 15.74
N ILE B 220 -3.97 19.17 16.13
CA ILE B 220 -3.69 17.95 16.90
C ILE B 220 -3.85 18.30 18.38
N PRO B 221 -4.85 17.76 19.08
CA PRO B 221 -5.07 18.16 20.47
C PRO B 221 -3.96 17.66 21.39
N ARG B 222 -3.76 18.41 22.48
CA ARG B 222 -2.91 17.94 23.55
C ARG B 222 -3.54 16.70 24.18
N THR B 223 -2.74 15.64 24.30
CA THR B 223 -3.23 14.36 24.81
C THR B 223 -2.32 13.82 25.89
N LYS B 241 -9.72 5.95 18.03
CA LYS B 241 -10.46 6.05 19.28
C LYS B 241 -10.10 7.33 20.04
N SER B 242 -8.80 7.55 20.25
CA SER B 242 -8.35 8.75 20.95
C SER B 242 -8.47 9.96 20.04
N LYS B 243 -8.67 11.14 20.66
CA LYS B 243 -8.86 12.35 19.88
C LYS B 243 -7.60 12.70 19.08
N GLY B 244 -6.42 12.41 19.65
CA GLY B 244 -5.19 12.66 18.90
C GLY B 244 -5.05 11.76 17.69
N ALA B 245 -5.40 10.48 17.84
CA ALA B 245 -5.37 9.59 16.70
C ALA B 245 -6.39 10.00 15.63
N ILE B 246 -7.60 10.35 16.04
CA ILE B 246 -8.62 10.77 15.08
C ILE B 246 -8.13 11.98 14.30
N ALA B 247 -7.52 12.95 14.99
CA ALA B 247 -7.04 14.16 14.32
C ALA B 247 -5.97 13.83 13.30
N TYR B 248 -4.98 13.01 13.69
CA TYR B 248 -3.93 12.62 12.75
C TYR B 248 -4.51 11.88 11.55
N ARG B 249 -5.50 11.01 11.78
CA ARG B 249 -6.09 10.30 10.66
C ARG B 249 -6.82 11.25 9.73
N GLU B 250 -7.50 12.26 10.29
CA GLU B 250 -8.15 13.24 9.44
C GLU B 250 -7.12 14.05 8.65
N PHE B 251 -6.02 14.41 9.29
CA PHE B 251 -5.00 15.16 8.56
C PHE B 251 -4.36 14.31 7.47
N ALA B 252 -4.10 13.03 7.74
CA ALA B 252 -3.53 12.16 6.71
C ALA B 252 -4.51 12.01 5.55
N ASP B 253 -5.81 12.03 5.83
CA ASP B 253 -6.79 11.98 4.76
C ASP B 253 -6.68 13.21 3.86
N ALA B 254 -6.45 14.38 4.45
CA ALA B 254 -6.28 15.59 3.64
C ALA B 254 -5.03 15.49 2.78
N LEU B 255 -3.95 14.90 3.32
CA LEU B 255 -2.75 14.69 2.51
C LEU B 255 -3.04 13.74 1.36
N LEU B 256 -3.74 12.63 1.64
CA LEU B 256 -4.02 11.66 0.58
C LEU B 256 -4.81 12.32 -0.56
N ARG B 257 -5.85 13.08 -0.20
CA ARG B 257 -6.64 13.78 -1.20
C ARG B 257 -5.80 14.83 -1.94
N HIS B 258 -4.93 15.53 -1.22
CA HIS B 258 -4.08 16.52 -1.88
C HIS B 258 -3.18 15.86 -2.91
N TRP B 259 -2.62 14.70 -2.59
CA TRP B 259 -1.72 14.03 -3.52
C TRP B 259 -2.49 13.35 -4.66
N LYS B 260 -3.72 12.89 -4.40
CA LYS B 260 -4.47 12.19 -5.44
C LYS B 260 -5.09 13.18 -6.42
N SER B 261 -5.63 14.29 -5.91
CA SER B 261 -6.44 15.17 -6.74
C SER B 261 -5.90 16.60 -6.84
N GLY B 262 -4.93 16.98 -6.00
CA GLY B 262 -4.49 18.36 -5.92
C GLY B 262 -5.29 19.22 -4.96
N ARG B 263 -6.29 18.65 -4.28
CA ARG B 263 -7.13 19.42 -3.38
C ARG B 263 -6.28 20.17 -2.36
N LYS B 264 -6.51 21.48 -2.23
CA LYS B 264 -5.76 22.28 -1.27
C LYS B 264 -5.99 21.75 0.14
N MET B 265 -4.95 21.79 0.97
CA MET B 265 -5.10 21.37 2.36
C MET B 265 -6.10 22.26 3.07
N PRO B 266 -7.11 21.71 3.76
CA PRO B 266 -8.06 22.55 4.48
C PRO B 266 -7.38 23.33 5.58
N THR B 267 -7.89 24.53 5.84
CA THR B 267 -7.29 25.42 6.82
C THR B 267 -8.14 25.50 8.07
N PHE B 268 -7.49 25.87 9.18
CA PHE B 268 -8.17 25.97 10.46
C PHE B 268 -9.09 27.19 10.48
N THR B 269 -10.33 26.98 10.93
CA THR B 269 -11.30 28.07 11.01
C THR B 269 -11.95 28.11 12.39
PG ANP C . -16.73 -21.42 -4.31
O1G ANP C . -17.54 -20.30 -4.86
O2G ANP C . -17.48 -22.15 -3.15
O3G ANP C . -15.35 -20.91 -3.81
PB ANP C . -15.50 -22.18 -6.76
O1B ANP C . -16.00 -21.03 -7.57
O2B ANP C . -14.06 -21.93 -6.24
N3B ANP C . -16.56 -22.59 -5.53
PA ANP C . -14.53 -24.73 -7.52
O1A ANP C . -13.20 -24.57 -8.14
O2A ANP C . -14.51 -25.20 -6.07
O3A ANP C . -15.45 -23.43 -7.73
O5' ANP C . -15.32 -25.78 -8.43
C5' ANP C . -16.70 -26.13 -8.15
C4' ANP C . -16.84 -27.59 -8.48
O4' ANP C . -16.72 -27.77 -9.91
C3' ANP C . -15.80 -28.50 -7.84
O3' ANP C . -16.38 -29.74 -7.43
C2' ANP C . -14.78 -28.70 -8.97
O2' ANP C . -14.05 -29.92 -8.86
C1' ANP C . -15.70 -28.70 -10.19
N9 ANP C . -15.03 -28.30 -11.42
C8 ANP C . -14.28 -27.17 -11.63
N7 ANP C . -13.81 -27.05 -12.84
C5 ANP C . -14.28 -28.20 -13.48
C6 ANP C . -14.13 -28.66 -14.81
N6 ANP C . -13.43 -28.04 -15.76
N1 ANP C . -14.73 -29.82 -15.12
C2 ANP C . -15.45 -30.47 -14.19
N3 ANP C . -15.65 -30.11 -12.91
C4 ANP C . -15.04 -28.96 -12.63
MG MG D . -13.57 -21.58 -4.27
PG ANP E . 12.67 17.65 18.71
O1G ANP E . 12.68 19.09 18.09
O2G ANP E . 13.00 16.61 17.58
O3G ANP E . 13.74 17.56 19.78
PB ANP E . 9.92 17.04 18.35
O1B ANP E . 9.57 18.29 17.59
O2B ANP E . 10.25 15.88 17.37
N3B ANP E . 11.18 17.32 19.43
PA ANP E . 8.24 15.28 19.84
O1A ANP E . 7.37 14.51 18.87
O2A ANP E . 9.44 14.52 20.33
O3A ANP E . 8.65 16.70 19.21
O5' ANP E . 7.33 15.70 21.04
C5' ANP E . 7.84 16.46 22.17
C4' ANP E . 7.14 15.96 23.42
O4' ANP E . 5.74 16.30 23.36
C3' ANP E . 7.21 14.45 23.64
O3' ANP E . 7.32 14.16 25.03
C2' ANP E . 5.86 13.97 23.09
O2' ANP E . 5.39 12.77 23.70
C1' ANP E . 4.95 15.13 23.47
N9 ANP E . 3.79 15.28 22.60
C8 ANP E . 3.79 15.27 21.23
N7 ANP E . 2.61 15.42 20.69
C5 ANP E . 1.77 15.55 21.79
C6 ANP E . 0.38 15.75 21.90
N6 ANP E . -0.44 15.86 20.86
N1 ANP E . -0.14 15.84 23.14
C2 ANP E . 0.68 15.74 24.19
N3 ANP E . 2.00 15.55 24.22
C4 ANP E . 2.49 15.47 22.97
MG MG F . 11.99 15.03 16.98
#